data_1DBB
#
_entry.id   1DBB
#
_cell.length_a   134.760
_cell.length_b   134.760
_cell.length_c   124.210
_cell.angle_alpha   90.00
_cell.angle_beta   90.00
_cell.angle_gamma   120.00
#
_symmetry.space_group_name_H-M   'P 64 2 2'
#
loop_
_entity.id
_entity.type
_entity.pdbx_description
1 polymer 'IGG1-KAPPA DB3 FAB (LIGHT CHAIN)'
2 polymer 'IGG1-KAPPA DB3 FAB (HEAVY CHAIN)'
3 non-polymer PROGESTERONE
#
loop_
_entity_poly.entity_id
_entity_poly.type
_entity_poly.pdbx_seq_one_letter_code
_entity_poly.pdbx_strand_id
1 'polypeptide(L)'
;DVVMTQIPLSLPVNLGDQASISCRSSQSLIHSNGNTYLHWYLQKPGQSPKLLMYKVSNRFYGVPDRFSGSGSGTDFTLKI
SRVEAEDLGIYFCSQSSHVPPTFGGGTKLEIKRADAAPTVSIFPPSSEQLTSGGASVVCFLNNFYPKDINVKWKIDGSER
QNGVLNSWTDQDSKDSTYSMSSTLTLTKDEYERHNSYTCEATHKTSTSPIVKSFNR
;
L
2 'polypeptide(L)'
;QIQLVQSGPELKKPGETVKISCKASGYAFTNYGVNWVKEAPGKELKWMGWINIYTGEPTYVDDFKGRFAFSLETSASTAY
LEINNLKNEDTATYFCTRGDYVNWYFDVWGAGTTVTVSSAKTTPPSVYPLAPGSAAQTNSMVTLGCLVKGYFPEPVTVTW
NSGSLSSGVHTFPAVLQSDLYTLSSSVTVPSSPRPSETVTCNVAHPASSTKVDKKIVPR
;
H
#
loop_
_chem_comp.id
_chem_comp.type
_chem_comp.name
_chem_comp.formula
STR non-polymer PROGESTERONE 'C21 H30 O2'
#
# COMPACT_ATOMS: atom_id res chain seq x y z
N ASP A 1 6.87 20.54 -15.09
CA ASP A 1 7.20 19.98 -13.79
C ASP A 1 8.52 19.27 -14.06
N VAL A 2 9.40 18.97 -13.11
CA VAL A 2 10.75 18.41 -13.30
C VAL A 2 10.53 16.99 -12.81
N VAL A 3 10.94 16.04 -13.63
CA VAL A 3 10.82 14.63 -13.38
C VAL A 3 11.91 14.08 -12.47
N MET A 4 11.65 13.41 -11.35
CA MET A 4 12.72 12.82 -10.55
C MET A 4 12.46 11.31 -10.63
N THR A 5 13.53 10.53 -10.82
CA THR A 5 13.51 9.13 -11.21
C THR A 5 14.46 8.31 -10.33
N GLN A 6 13.98 7.17 -9.83
CA GLN A 6 14.75 6.34 -8.92
C GLN A 6 15.03 4.94 -9.44
N ILE A 7 16.07 4.27 -8.94
CA ILE A 7 16.46 2.96 -9.40
C ILE A 7 17.22 2.40 -8.22
N PRO A 8 16.94 1.20 -7.68
CA PRO A 8 15.90 0.25 -8.06
C PRO A 8 14.45 0.60 -7.71
N LEU A 9 13.48 -0.33 -7.62
CA LEU A 9 12.21 -0.10 -6.91
C LEU A 9 12.33 -0.77 -5.54
N SER A 10 12.72 -2.07 -5.53
CA SER A 10 12.96 -2.80 -4.28
C SER A 10 14.46 -2.94 -4.18
N LEU A 11 15.11 -2.76 -3.05
CA LEU A 11 16.51 -2.98 -2.96
C LEU A 11 16.52 -4.02 -1.86
N PRO A 12 16.68 -5.29 -2.23
CA PRO A 12 17.13 -6.35 -1.35
C PRO A 12 18.46 -6.18 -0.66
N VAL A 13 18.48 -6.26 0.64
CA VAL A 13 19.70 -5.99 1.33
C VAL A 13 19.98 -7.02 2.40
N ASN A 14 21.24 -7.27 2.72
CA ASN A 14 21.48 -8.13 3.85
C ASN A 14 21.57 -7.08 4.91
N LEU A 15 20.82 -7.14 6.01
CA LEU A 15 21.10 -6.26 7.17
C LEU A 15 22.60 -6.37 7.47
N GLY A 16 23.17 -5.37 8.15
CA GLY A 16 24.62 -5.29 8.33
C GLY A 16 25.36 -5.09 7.01
N ASP A 17 24.80 -5.04 5.81
CA ASP A 17 25.64 -4.81 4.65
C ASP A 17 25.81 -3.33 4.38
N GLN A 18 26.49 -3.03 3.27
CA GLN A 18 26.58 -1.74 2.58
C GLN A 18 25.24 -1.69 1.83
N ALA A 19 24.71 -0.48 1.55
CA ALA A 19 23.51 -0.33 0.72
C ALA A 19 23.59 1.04 0.01
N SER A 20 23.25 1.22 -1.28
CA SER A 20 23.38 2.51 -1.95
C SER A 20 22.14 2.83 -2.73
N ILE A 21 21.45 3.94 -2.53
CA ILE A 21 20.26 4.22 -3.32
C ILE A 21 20.74 5.29 -4.30
N SER A 22 20.13 5.39 -5.46
CA SER A 22 20.59 6.34 -6.43
C SER A 22 19.37 7.07 -6.94
N CYS A 23 19.47 8.33 -7.29
CA CYS A 23 18.33 9.13 -7.67
C CYS A 23 18.75 10.03 -8.83
N ARG A 24 17.95 10.43 -9.84
CA ARG A 24 18.47 11.30 -10.87
C ARG A 24 17.37 12.23 -11.35
N SER A 25 17.69 13.25 -12.11
CA SER A 25 16.76 14.33 -12.30
C SER A 25 16.58 14.76 -13.73
N SER A 26 15.45 15.36 -14.11
CA SER A 26 15.33 15.85 -15.46
C SER A 26 16.26 17.03 -15.71
N GLN A 27 15.91 18.26 -15.20
CA GLN A 27 16.68 19.50 -15.35
C GLN A 27 17.81 19.49 -14.35
N SER A 28 18.55 20.58 -14.10
CA SER A 28 19.57 20.57 -13.06
C SER A 28 19.05 21.36 -11.87
N LEU A 29 19.67 20.92 -10.78
CA LEU A 29 19.39 21.35 -9.41
C LEU A 29 20.48 22.28 -8.80
N ILE A 30 21.39 22.85 -9.60
CA ILE A 30 22.36 23.80 -9.11
C ILE A 30 21.55 25.07 -9.33
N HIS A 31 21.55 26.03 -8.41
CA HIS A 31 20.61 27.16 -8.52
C HIS A 31 21.27 28.49 -8.89
N SER A 32 20.46 29.54 -9.25
CA SER A 32 21.00 30.88 -9.47
C SER A 32 21.96 31.25 -8.29
N ASN A 33 21.61 30.89 -7.05
CA ASN A 33 22.43 31.20 -5.91
C ASN A 33 23.47 30.18 -5.61
N GLY A 34 23.96 29.47 -6.63
CA GLY A 34 25.01 28.46 -6.46
C GLY A 34 24.65 27.36 -5.46
N ASN A 35 23.37 27.00 -5.33
CA ASN A 35 22.99 25.96 -4.37
C ASN A 35 22.13 24.89 -5.04
N THR A 36 22.12 23.73 -4.35
CA THR A 36 21.54 22.48 -4.80
C THR A 36 20.42 22.14 -3.85
N TYR A 37 19.15 22.14 -4.15
CA TYR A 37 18.24 21.70 -3.12
C TYR A 37 17.73 20.30 -3.42
N LEU A 38 18.55 19.32 -3.02
CA LEU A 38 18.28 17.90 -3.16
C LEU A 38 18.27 17.31 -1.77
N HIS A 39 17.08 16.79 -1.43
CA HIS A 39 16.75 16.29 -0.11
C HIS A 39 16.15 14.90 -0.32
N TRP A 40 16.22 14.10 0.73
CA TRP A 40 15.87 12.67 0.77
C TRP A 40 14.88 12.28 1.87
N TYR A 41 13.64 11.85 1.69
CA TYR A 41 12.80 11.44 2.82
C TYR A 41 12.77 9.93 3.07
N LEU A 42 12.41 9.34 4.23
CA LEU A 42 12.28 7.88 4.40
C LEU A 42 10.87 7.63 4.87
N GLN A 43 10.01 6.80 4.26
CA GLN A 43 8.66 6.57 4.80
C GLN A 43 8.52 5.12 5.27
N LYS A 44 8.65 4.99 6.58
CA LYS A 44 8.51 3.70 7.24
C LYS A 44 7.06 3.21 7.11
N PRO A 45 6.66 1.98 7.41
CA PRO A 45 5.34 1.45 7.09
C PRO A 45 4.23 2.26 7.72
N GLY A 46 3.20 2.41 6.85
CA GLY A 46 1.97 3.12 7.12
C GLY A 46 2.30 4.26 8.06
N GLN A 47 3.06 5.27 7.55
CA GLN A 47 3.49 6.41 8.39
C GLN A 47 3.76 7.68 7.63
N SER A 48 4.58 8.61 8.10
CA SER A 48 4.80 9.92 7.45
C SER A 48 6.29 10.17 7.09
N PRO A 49 6.67 10.80 5.97
CA PRO A 49 8.07 11.05 5.64
C PRO A 49 8.80 11.81 6.75
N LYS A 50 10.09 11.59 6.96
CA LYS A 50 10.91 12.34 7.88
C LYS A 50 12.14 12.76 7.04
N LEU A 51 12.45 14.04 6.83
CA LEU A 51 13.66 14.51 6.18
C LEU A 51 14.90 13.83 6.78
N LEU A 52 15.67 13.13 5.93
CA LEU A 52 16.94 12.51 6.26
C LEU A 52 18.14 13.35 5.86
N MET A 53 18.19 13.95 4.68
CA MET A 53 19.40 14.58 4.17
C MET A 53 18.98 15.74 3.37
N TYR A 54 19.69 16.86 3.51
CA TYR A 54 19.47 18.11 2.78
C TYR A 54 20.75 18.70 2.19
N LYS A 55 20.44 19.30 1.03
CA LYS A 55 21.36 19.96 0.13
C LYS A 55 22.58 19.12 -0.16
N VAL A 56 22.13 17.95 -0.66
CA VAL A 56 22.91 16.82 -1.18
C VAL A 56 23.62 16.01 -0.16
N SER A 57 24.18 16.64 0.85
CA SER A 57 25.17 15.99 1.67
C SER A 57 25.11 16.18 3.15
N ASN A 58 24.17 17.02 3.59
CA ASN A 58 24.09 17.39 5.01
C ASN A 58 22.98 16.53 5.58
N ARG A 59 23.12 16.03 6.79
CA ARG A 59 22.09 15.12 7.25
C ARG A 59 21.04 15.90 7.97
N PHE A 60 19.97 15.37 8.50
CA PHE A 60 19.14 16.22 9.35
C PHE A 60 19.65 15.94 10.74
N TYR A 61 18.98 16.14 11.86
CA TYR A 61 19.56 15.86 13.16
C TYR A 61 18.79 14.69 13.79
N GLY A 62 19.59 13.95 14.51
CA GLY A 62 19.20 12.69 15.06
C GLY A 62 19.99 11.75 14.20
N VAL A 63 19.66 11.85 12.89
CA VAL A 63 20.13 10.95 11.84
C VAL A 63 21.55 10.55 12.05
N PRO A 64 21.98 9.31 11.91
CA PRO A 64 23.33 8.92 12.28
C PRO A 64 24.30 8.76 11.12
N ASP A 65 25.54 8.61 11.61
CA ASP A 65 26.78 8.35 10.89
C ASP A 65 26.53 7.48 9.69
N ARG A 66 25.62 6.52 9.83
CA ARG A 66 25.34 5.61 8.73
C ARG A 66 24.84 6.21 7.41
N PHE A 67 24.43 7.48 7.35
CA PHE A 67 23.81 7.99 6.13
C PHE A 67 24.72 9.01 5.51
N SER A 68 24.57 9.16 4.20
CA SER A 68 25.54 9.94 3.44
C SER A 68 24.92 10.22 2.07
N GLY A 69 25.59 10.97 1.30
CA GLY A 69 24.95 11.43 0.09
C GLY A 69 25.96 12.15 -0.76
N SER A 70 25.60 12.46 -2.01
CA SER A 70 26.50 13.07 -2.97
C SER A 70 25.90 13.35 -4.32
N GLY A 71 26.66 14.11 -5.11
CA GLY A 71 26.41 14.19 -6.53
C GLY A 71 26.09 15.57 -7.03
N SER A 72 25.98 15.70 -8.38
CA SER A 72 25.57 16.99 -8.90
C SER A 72 24.75 17.07 -10.18
N GLY A 73 23.80 17.99 -10.07
CA GLY A 73 23.11 18.50 -11.23
C GLY A 73 22.01 17.67 -11.77
N THR A 74 22.41 16.49 -12.21
CA THR A 74 21.45 15.55 -12.73
C THR A 74 21.46 14.31 -11.90
N ASP A 75 22.56 13.94 -11.23
CA ASP A 75 22.64 12.60 -10.69
C ASP A 75 23.04 12.55 -9.24
N PHE A 76 22.38 11.90 -8.27
CA PHE A 76 22.79 11.90 -6.87
C PHE A 76 22.56 10.50 -6.31
N THR A 77 23.27 10.09 -5.23
CA THR A 77 23.24 8.76 -4.68
C THR A 77 23.22 8.73 -3.14
N LEU A 78 22.36 8.06 -2.39
CA LEU A 78 22.49 8.04 -0.93
C LEU A 78 23.24 6.76 -0.55
N LYS A 79 23.77 6.54 0.66
CA LYS A 79 24.39 5.30 1.02
C LYS A 79 24.27 5.07 2.50
N ILE A 80 23.76 3.92 2.93
CA ILE A 80 23.72 3.57 4.34
C ILE A 80 25.00 2.75 4.60
N SER A 81 25.71 2.75 5.73
CA SER A 81 26.94 1.98 5.80
C SER A 81 26.91 0.56 6.39
N ARG A 82 26.02 0.37 7.34
CA ARG A 82 25.76 -0.91 7.95
C ARG A 82 24.21 -0.81 7.98
N VAL A 83 23.46 -1.30 6.98
CA VAL A 83 22.00 -1.12 6.97
C VAL A 83 21.47 -1.93 8.11
N GLU A 84 20.46 -1.42 8.85
CA GLU A 84 19.99 -2.00 10.11
C GLU A 84 18.49 -2.32 10.19
N ALA A 85 17.97 -2.94 11.27
CA ALA A 85 16.54 -3.24 11.41
C ALA A 85 15.68 -1.99 11.29
N GLU A 86 16.21 -0.89 11.81
CA GLU A 86 15.59 0.44 11.81
C GLU A 86 15.79 1.28 10.54
N ASP A 87 16.10 0.79 9.33
CA ASP A 87 16.31 1.68 8.20
C ASP A 87 15.47 1.35 6.99
N LEU A 88 14.80 0.24 7.10
CA LEU A 88 14.04 -0.23 5.98
C LEU A 88 12.78 0.64 5.83
N GLY A 89 12.34 0.93 4.62
CA GLY A 89 11.16 1.70 4.30
C GLY A 89 11.26 2.06 2.83
N ILE A 90 10.38 2.89 2.33
CA ILE A 90 10.47 3.48 1.01
C ILE A 90 11.56 4.52 1.18
N TYR A 91 12.16 5.17 0.19
CA TYR A 91 13.19 6.18 0.37
C TYR A 91 12.90 7.16 -0.74
N PHE A 92 12.48 8.40 -0.55
CA PHE A 92 12.11 9.32 -1.61
C PHE A 92 13.16 10.40 -1.83
N CYS A 93 13.59 10.79 -3.02
CA CYS A 93 14.44 11.96 -3.22
C CYS A 93 13.54 12.99 -3.88
N SER A 94 13.75 14.26 -3.51
CA SER A 94 12.95 15.35 -4.02
C SER A 94 13.91 16.50 -4.26
N GLN A 95 13.46 17.50 -4.96
CA GLN A 95 14.28 18.63 -5.29
C GLN A 95 13.45 19.84 -4.94
N SER A 96 14.07 20.90 -4.40
CA SER A 96 13.38 22.14 -4.09
C SER A 96 13.99 23.26 -4.92
N SER A 97 15.02 22.97 -5.73
CA SER A 97 15.62 23.92 -6.65
C SER A 97 14.60 24.47 -7.63
N HIS A 98 13.40 23.90 -7.80
CA HIS A 98 12.52 24.37 -8.83
C HIS A 98 11.09 24.56 -8.42
N VAL A 99 10.17 24.94 -9.30
CA VAL A 99 8.77 24.91 -8.98
C VAL A 99 8.12 24.21 -10.19
N PRO A 100 7.41 23.11 -9.92
CA PRO A 100 6.93 22.81 -8.57
C PRO A 100 7.88 21.79 -7.95
N PRO A 101 8.19 21.79 -6.62
CA PRO A 101 9.15 20.85 -6.01
C PRO A 101 8.55 19.49 -6.35
N THR A 102 9.42 18.62 -6.84
CA THR A 102 8.87 17.38 -7.29
C THR A 102 9.48 16.33 -6.42
N PHE A 103 8.60 15.35 -6.28
CA PHE A 103 9.00 14.20 -5.51
C PHE A 103 9.49 13.08 -6.40
N GLY A 104 10.19 12.11 -5.81
CA GLY A 104 10.78 11.12 -6.65
C GLY A 104 10.58 9.69 -6.34
N GLY A 105 9.40 9.14 -6.58
CA GLY A 105 9.20 7.68 -6.68
C GLY A 105 9.55 6.74 -5.54
N GLY A 106 10.82 6.64 -5.16
CA GLY A 106 11.19 5.86 -4.01
C GLY A 106 11.79 4.51 -4.32
N THR A 107 12.47 3.88 -3.36
CA THR A 107 12.96 2.54 -3.55
C THR A 107 12.75 1.96 -2.15
N LYS A 108 12.08 0.78 -1.93
CA LYS A 108 11.89 0.20 -0.58
C LYS A 108 13.16 -0.54 -0.21
N LEU A 109 13.66 -0.52 1.01
CA LEU A 109 14.88 -1.27 1.34
C LEU A 109 14.55 -2.63 1.92
N GLU A 110 13.97 -3.52 1.12
CA GLU A 110 13.53 -4.84 1.58
C GLU A 110 14.60 -5.83 1.97
N ILE A 111 14.27 -7.04 2.41
CA ILE A 111 15.33 -7.95 2.78
C ILE A 111 15.48 -9.01 1.71
N LYS A 112 16.72 -9.43 1.51
CA LYS A 112 17.05 -10.44 0.51
C LYS A 112 17.27 -11.70 1.32
N ARG A 113 16.76 -12.79 0.70
CA ARG A 113 16.81 -14.11 1.29
C ARG A 113 17.00 -15.10 0.15
N ALA A 114 17.48 -16.27 0.55
CA ALA A 114 17.65 -17.43 -0.34
C ALA A 114 16.28 -17.63 -0.97
N ASP A 115 16.12 -18.02 -2.20
CA ASP A 115 14.77 -18.00 -2.78
C ASP A 115 13.77 -19.11 -2.42
N ALA A 116 12.55 -18.95 -2.96
CA ALA A 116 11.50 -19.87 -2.68
C ALA A 116 10.52 -19.71 -3.80
N ALA A 117 10.07 -20.84 -4.32
CA ALA A 117 9.01 -20.85 -5.31
C ALA A 117 7.64 -20.93 -4.58
N PRO A 118 6.52 -20.54 -5.14
CA PRO A 118 5.30 -20.38 -4.43
C PRO A 118 4.43 -21.60 -4.18
N THR A 119 4.20 -22.01 -2.94
CA THR A 119 3.25 -23.06 -2.60
C THR A 119 1.84 -22.76 -3.15
N VAL A 120 1.23 -23.37 -4.20
CA VAL A 120 -0.09 -22.92 -4.67
C VAL A 120 -1.31 -23.82 -4.32
N SER A 121 -2.56 -23.31 -4.29
CA SER A 121 -3.73 -24.03 -3.82
C SER A 121 -4.95 -23.62 -4.60
N ILE A 122 -5.54 -24.40 -5.49
CA ILE A 122 -6.73 -23.94 -6.16
C ILE A 122 -7.85 -24.41 -5.18
N PHE A 123 -8.93 -23.62 -5.10
CA PHE A 123 -10.05 -23.85 -4.24
C PHE A 123 -11.24 -23.66 -5.15
N PRO A 124 -12.17 -24.64 -5.24
CA PRO A 124 -13.41 -24.50 -6.01
C PRO A 124 -14.38 -23.51 -5.36
N PRO A 125 -15.35 -22.88 -6.06
CA PRO A 125 -16.47 -22.15 -5.47
C PRO A 125 -17.62 -22.93 -4.86
N SER A 126 -17.86 -22.37 -3.67
CA SER A 126 -18.72 -22.83 -2.59
C SER A 126 -20.25 -23.05 -2.74
N SER A 127 -20.93 -23.69 -1.73
CA SER A 127 -22.39 -23.83 -1.72
C SER A 127 -22.97 -22.44 -1.86
N GLU A 128 -22.79 -21.63 -0.81
CA GLU A 128 -23.44 -20.31 -0.77
C GLU A 128 -23.06 -19.35 -1.87
N GLN A 129 -21.82 -19.41 -2.36
CA GLN A 129 -21.42 -18.53 -3.45
C GLN A 129 -22.32 -18.79 -4.61
N LEU A 130 -22.49 -20.10 -4.92
CA LEU A 130 -23.32 -20.70 -5.96
C LEU A 130 -24.80 -20.42 -5.72
N THR A 131 -25.29 -20.62 -4.50
CA THR A 131 -26.67 -20.34 -4.14
C THR A 131 -26.90 -18.85 -4.35
N SER A 132 -25.95 -17.90 -4.32
CA SER A 132 -26.24 -16.50 -4.65
C SER A 132 -26.12 -16.16 -6.13
N GLY A 133 -25.75 -17.12 -6.94
CA GLY A 133 -25.30 -16.75 -8.27
C GLY A 133 -23.83 -16.37 -8.06
N GLY A 134 -23.03 -16.39 -9.11
CA GLY A 134 -21.65 -15.96 -8.96
C GLY A 134 -20.85 -17.04 -8.22
N ALA A 135 -19.63 -17.20 -8.70
CA ALA A 135 -18.76 -18.20 -8.15
C ALA A 135 -17.37 -17.62 -8.40
N SER A 136 -16.65 -17.25 -7.32
CA SER A 136 -15.28 -16.80 -7.39
C SER A 136 -14.43 -18.05 -7.34
N VAL A 137 -13.26 -18.07 -7.96
CA VAL A 137 -12.37 -19.23 -7.94
C VAL A 137 -11.13 -18.58 -7.32
N VAL A 138 -10.34 -19.23 -6.46
CA VAL A 138 -9.24 -18.55 -5.79
C VAL A 138 -7.95 -19.38 -5.84
N CYS A 139 -6.79 -18.83 -6.17
CA CYS A 139 -5.54 -19.55 -6.24
C CYS A 139 -4.75 -18.80 -5.21
N PHE A 140 -4.17 -19.36 -4.14
CA PHE A 140 -3.31 -18.66 -3.22
C PHE A 140 -1.92 -19.07 -3.66
N LEU A 141 -1.02 -18.17 -4.12
CA LEU A 141 0.36 -18.48 -4.50
C LEU A 141 1.03 -18.03 -3.21
N ASN A 142 1.80 -18.80 -2.45
CA ASN A 142 2.22 -18.41 -1.11
C ASN A 142 3.65 -18.60 -0.71
N ASN A 143 4.04 -18.02 0.40
CA ASN A 143 5.39 -18.02 0.93
C ASN A 143 6.61 -18.14 -0.02
N PHE A 144 6.63 -17.28 -1.06
CA PHE A 144 7.68 -17.30 -2.09
C PHE A 144 8.64 -16.13 -2.16
N TYR A 145 9.84 -16.32 -2.69
CA TYR A 145 10.72 -15.19 -2.95
C TYR A 145 11.44 -15.34 -4.30
N PRO A 146 11.36 -14.36 -5.20
CA PRO A 146 11.06 -12.97 -4.88
C PRO A 146 9.79 -12.47 -5.48
N LYS A 147 9.44 -11.27 -5.06
CA LYS A 147 8.20 -10.60 -5.45
C LYS A 147 7.68 -10.90 -6.86
N ASP A 148 8.38 -10.77 -7.98
CA ASP A 148 7.73 -11.02 -9.25
C ASP A 148 7.33 -12.48 -9.42
N ILE A 149 6.04 -12.75 -9.68
CA ILE A 149 5.51 -14.04 -10.17
C ILE A 149 4.42 -13.57 -11.13
N ASN A 150 3.60 -14.48 -11.69
CA ASN A 150 2.35 -14.09 -12.35
C ASN A 150 1.51 -15.29 -12.75
N VAL A 151 0.21 -14.99 -12.77
CA VAL A 151 -0.79 -16.03 -12.80
C VAL A 151 -1.78 -16.04 -13.94
N LYS A 152 -1.46 -16.99 -14.81
CA LYS A 152 -2.35 -17.25 -15.93
C LYS A 152 -3.59 -17.89 -15.29
N TRP A 153 -4.79 -17.69 -15.84
CA TRP A 153 -5.94 -18.51 -15.42
C TRP A 153 -6.54 -19.26 -16.59
N LYS A 154 -5.90 -20.37 -16.98
CA LYS A 154 -6.37 -21.17 -18.09
C LYS A 154 -7.76 -21.79 -17.73
N ILE A 155 -8.70 -21.73 -18.60
CA ILE A 155 -10.12 -21.91 -18.27
C ILE A 155 -10.85 -23.14 -18.89
N ASP A 156 -10.49 -23.49 -20.12
CA ASP A 156 -10.57 -24.88 -20.51
C ASP A 156 -9.13 -25.14 -20.94
N GLY A 157 -8.75 -24.63 -22.10
CA GLY A 157 -7.36 -24.30 -22.35
C GLY A 157 -7.24 -22.79 -22.58
N SER A 158 -8.08 -22.22 -23.47
CA SER A 158 -8.12 -20.78 -23.64
C SER A 158 -8.16 -20.01 -22.33
N GLU A 159 -7.24 -19.06 -22.29
CA GLU A 159 -7.09 -18.24 -21.11
C GLU A 159 -8.12 -17.11 -21.01
N ARG A 160 -7.96 -16.36 -19.90
CA ARG A 160 -8.90 -15.39 -19.35
C ARG A 160 -8.25 -14.15 -18.70
N GLN A 161 -8.93 -12.98 -18.86
CA GLN A 161 -8.66 -11.81 -18.00
C GLN A 161 -9.91 -11.02 -17.50
N ASN A 162 -11.22 -11.21 -17.80
CA ASN A 162 -12.27 -10.49 -17.02
C ASN A 162 -12.11 -11.01 -15.58
N GLY A 163 -12.65 -10.45 -14.53
CA GLY A 163 -12.62 -11.11 -13.23
C GLY A 163 -11.26 -11.12 -12.57
N VAL A 164 -10.23 -11.83 -13.01
CA VAL A 164 -8.98 -11.87 -12.31
C VAL A 164 -8.51 -10.57 -11.69
N LEU A 165 -8.77 -10.47 -10.37
CA LEU A 165 -8.31 -9.36 -9.54
C LEU A 165 -7.26 -9.96 -8.64
N ASN A 166 -6.03 -9.47 -8.73
CA ASN A 166 -4.90 -10.02 -8.00
C ASN A 166 -4.53 -9.15 -6.83
N SER A 167 -3.98 -9.66 -5.73
CA SER A 167 -3.61 -8.84 -4.60
C SER A 167 -2.40 -9.47 -3.99
N TRP A 168 -1.65 -8.76 -3.16
CA TRP A 168 -0.30 -9.15 -2.84
C TRP A 168 0.00 -8.82 -1.42
N THR A 169 0.94 -9.40 -0.67
CA THR A 169 1.25 -8.96 0.68
C THR A 169 2.64 -8.35 0.76
N ASP A 170 2.90 -7.61 1.85
CA ASP A 170 4.23 -7.05 1.99
C ASP A 170 5.14 -8.15 2.52
N GLN A 171 6.39 -7.80 2.72
CA GLN A 171 7.39 -8.80 3.06
C GLN A 171 7.06 -9.34 4.45
N ASP A 172 6.84 -10.66 4.52
CA ASP A 172 6.47 -11.36 5.75
C ASP A 172 7.50 -11.14 6.82
N SER A 173 7.38 -10.21 7.73
CA SER A 173 8.40 -9.95 8.74
C SER A 173 9.05 -11.16 9.41
N LYS A 174 8.24 -12.22 9.49
CA LYS A 174 8.67 -13.43 10.15
C LYS A 174 9.55 -14.23 9.23
N ASP A 175 9.36 -14.40 7.92
CA ASP A 175 10.32 -15.22 7.17
C ASP A 175 10.83 -14.60 5.90
N SER A 176 10.46 -13.37 5.62
CA SER A 176 10.80 -12.64 4.41
C SER A 176 10.28 -13.15 3.09
N THR A 177 9.46 -14.20 3.05
CA THR A 177 8.93 -14.63 1.76
C THR A 177 7.75 -13.77 1.44
N TYR A 178 7.07 -13.91 0.33
CA TYR A 178 5.92 -13.06 0.00
C TYR A 178 4.70 -13.96 -0.02
N SER A 179 3.51 -13.49 -0.41
CA SER A 179 2.34 -14.29 -0.67
C SER A 179 1.48 -13.44 -1.56
N MET A 180 0.63 -14.07 -2.33
CA MET A 180 -0.18 -13.38 -3.29
C MET A 180 -1.38 -14.30 -3.58
N SER A 181 -2.48 -13.84 -4.20
CA SER A 181 -3.64 -14.67 -4.45
C SER A 181 -4.60 -14.06 -5.47
N SER A 182 -5.00 -14.76 -6.53
CA SER A 182 -5.91 -14.16 -7.45
C SER A 182 -7.32 -14.69 -7.26
N THR A 183 -8.34 -13.85 -7.42
CA THR A 183 -9.71 -14.33 -7.39
C THR A 183 -10.36 -14.11 -8.76
N LEU A 184 -10.59 -15.20 -9.51
CA LEU A 184 -11.23 -15.11 -10.82
C LEU A 184 -12.71 -15.08 -10.47
N THR A 185 -13.57 -14.26 -11.09
CA THR A 185 -14.96 -14.37 -10.84
C THR A 185 -15.63 -14.56 -12.14
N LEU A 186 -16.56 -15.51 -12.02
CA LEU A 186 -17.43 -15.95 -13.08
C LEU A 186 -18.83 -16.04 -12.53
N THR A 187 -19.89 -15.68 -13.26
CA THR A 187 -21.25 -15.85 -12.76
C THR A 187 -21.42 -17.33 -12.50
N LYS A 188 -22.43 -17.71 -11.69
CA LYS A 188 -22.74 -19.11 -11.36
C LYS A 188 -22.85 -19.97 -12.57
N ASP A 189 -23.25 -19.43 -13.71
CA ASP A 189 -23.21 -20.30 -14.81
C ASP A 189 -22.14 -20.06 -15.78
N GLU A 190 -21.53 -18.86 -15.96
CA GLU A 190 -20.32 -18.80 -16.78
C GLU A 190 -19.39 -19.86 -16.09
N TYR A 191 -19.56 -19.94 -14.79
CA TYR A 191 -19.02 -21.02 -14.01
C TYR A 191 -19.67 -22.33 -14.54
N GLU A 192 -20.94 -22.66 -14.31
CA GLU A 192 -21.44 -23.99 -14.67
C GLU A 192 -21.45 -24.44 -16.13
N ARG A 193 -20.70 -23.74 -17.00
CA ARG A 193 -20.50 -24.27 -18.32
C ARG A 193 -19.02 -24.44 -18.71
N HIS A 194 -18.16 -25.12 -17.94
CA HIS A 194 -16.82 -25.45 -18.38
C HIS A 194 -16.31 -26.54 -17.49
N ASN A 195 -15.35 -27.30 -17.93
CA ASN A 195 -14.63 -28.24 -17.08
C ASN A 195 -13.35 -27.45 -16.74
N SER A 196 -12.35 -28.07 -16.10
CA SER A 196 -10.97 -27.56 -16.01
C SER A 196 -10.69 -26.09 -15.75
N TYR A 197 -10.33 -25.74 -14.54
CA TYR A 197 -9.99 -24.37 -14.29
C TYR A 197 -8.62 -24.50 -13.68
N THR A 198 -7.72 -23.70 -14.22
CA THR A 198 -6.33 -23.74 -13.81
C THR A 198 -5.69 -22.37 -13.79
N CYS A 199 -5.21 -22.03 -12.60
CA CYS A 199 -4.36 -20.89 -12.50
C CYS A 199 -3.01 -21.52 -12.72
N GLU A 200 -2.15 -20.78 -13.44
CA GLU A 200 -0.82 -21.23 -13.79
C GLU A 200 0.11 -20.12 -13.25
N ALA A 201 0.98 -20.43 -12.28
CA ALA A 201 1.96 -19.49 -11.79
C ALA A 201 3.30 -19.46 -12.52
N THR A 202 3.88 -18.39 -13.09
CA THR A 202 5.29 -18.46 -13.52
C THR A 202 6.25 -17.49 -12.78
N HIS A 203 7.22 -18.21 -12.19
CA HIS A 203 8.15 -17.68 -11.24
C HIS A 203 9.44 -18.42 -11.50
N LYS A 204 10.48 -17.59 -11.34
CA LYS A 204 11.86 -17.91 -11.58
C LYS A 204 12.19 -19.30 -11.16
N THR A 205 11.99 -19.60 -9.88
CA THR A 205 12.40 -20.91 -9.39
C THR A 205 11.83 -22.23 -10.00
N SER A 206 11.27 -22.21 -11.21
CA SER A 206 10.93 -23.43 -11.91
C SER A 206 10.91 -22.86 -13.30
N THR A 207 11.70 -23.50 -14.20
CA THR A 207 11.70 -23.13 -15.62
C THR A 207 10.36 -23.51 -16.20
N SER A 208 9.82 -24.59 -15.64
CA SER A 208 8.48 -25.05 -16.00
C SER A 208 7.49 -24.12 -15.28
N PRO A 209 6.26 -24.03 -15.74
CA PRO A 209 5.18 -23.49 -14.91
C PRO A 209 4.82 -24.36 -13.70
N ILE A 210 3.96 -23.78 -12.80
CA ILE A 210 3.53 -24.40 -11.53
C ILE A 210 2.07 -24.08 -11.36
N VAL A 211 1.40 -25.11 -11.87
CA VAL A 211 0.01 -25.07 -12.27
C VAL A 211 -1.02 -25.85 -11.47
N LYS A 212 -1.70 -25.41 -10.39
CA LYS A 212 -2.69 -26.27 -9.78
C LYS A 212 -3.92 -26.20 -10.63
N SER A 213 -4.90 -27.03 -10.24
CA SER A 213 -6.11 -27.15 -11.03
C SER A 213 -7.15 -28.05 -10.32
N PHE A 214 -8.37 -28.03 -10.93
CA PHE A 214 -9.49 -28.88 -10.52
C PHE A 214 -10.45 -28.96 -11.70
N ASN A 215 -11.28 -30.00 -11.87
CA ASN A 215 -12.22 -30.08 -13.00
C ASN A 215 -13.59 -29.90 -12.37
N ARG A 216 -14.36 -29.09 -13.08
CA ARG A 216 -15.64 -28.64 -12.57
C ARG A 216 -16.53 -29.81 -12.35
N GLN B 1 5.60 18.40 22.15
CA GLN B 1 6.44 18.20 21.01
C GLN B 1 6.04 19.31 20.01
N ILE B 2 6.97 19.63 19.08
CA ILE B 2 6.76 20.70 18.11
C ILE B 2 6.15 19.89 16.98
N GLN B 3 4.90 20.11 16.64
CA GLN B 3 4.30 19.23 15.69
C GLN B 3 3.14 19.90 15.01
N LEU B 4 2.86 19.48 13.78
CA LEU B 4 1.70 19.88 13.03
C LEU B 4 0.69 18.77 13.34
N VAL B 5 -0.49 19.01 13.89
CA VAL B 5 -1.42 17.91 14.15
C VAL B 5 -2.67 18.10 13.30
N GLN B 6 -3.04 17.07 12.51
CA GLN B 6 -4.15 17.10 11.56
C GLN B 6 -5.38 16.21 11.85
N SER B 7 -6.46 16.43 11.14
CA SER B 7 -7.70 15.88 11.59
C SER B 7 -8.00 14.46 11.19
N GLY B 8 -9.25 14.02 11.41
CA GLY B 8 -9.65 12.65 11.21
C GLY B 8 -9.73 12.30 9.76
N PRO B 9 -9.67 10.97 9.50
CA PRO B 9 -10.07 10.30 8.27
C PRO B 9 -11.57 10.47 8.06
N GLU B 10 -11.99 10.56 6.79
CA GLU B 10 -13.34 10.99 6.46
C GLU B 10 -13.89 10.19 5.30
N LEU B 11 -15.18 10.22 4.98
CA LEU B 11 -15.69 9.42 3.87
C LEU B 11 -16.73 10.25 3.17
N LYS B 12 -16.52 10.62 1.92
CA LYS B 12 -17.42 11.56 1.28
C LYS B 12 -17.94 11.04 -0.04
N LYS B 13 -19.24 11.22 -0.31
CA LYS B 13 -19.79 10.77 -1.58
C LYS B 13 -19.36 11.88 -2.53
N PRO B 14 -19.07 11.76 -3.83
CA PRO B 14 -18.67 12.83 -4.73
C PRO B 14 -19.51 14.08 -4.64
N GLY B 15 -19.10 15.19 -5.24
CA GLY B 15 -19.94 16.41 -5.23
C GLY B 15 -20.08 17.06 -3.86
N GLU B 16 -19.10 16.85 -3.01
CA GLU B 16 -19.16 17.25 -1.63
C GLU B 16 -17.92 18.05 -1.25
N THR B 17 -17.93 18.62 -0.03
CA THR B 17 -16.99 19.59 0.51
C THR B 17 -16.32 19.00 1.72
N VAL B 18 -15.02 18.85 1.75
CA VAL B 18 -14.36 18.34 2.93
C VAL B 18 -13.32 19.41 3.29
N LYS B 19 -13.06 19.58 4.57
CA LYS B 19 -12.22 20.64 5.01
C LYS B 19 -11.25 20.02 6.01
N ILE B 20 -9.95 20.14 5.72
CA ILE B 20 -8.85 19.56 6.49
C ILE B 20 -8.12 20.66 7.22
N SER B 21 -8.05 20.48 8.52
CA SER B 21 -7.34 21.41 9.37
C SER B 21 -5.94 20.90 9.59
N CYS B 22 -5.03 21.75 10.10
CA CYS B 22 -3.67 21.34 10.40
C CYS B 22 -3.10 22.33 11.40
N LYS B 23 -2.96 21.91 12.66
CA LYS B 23 -2.59 22.81 13.73
C LYS B 23 -1.18 22.72 14.25
N ALA B 24 -0.52 23.86 14.13
CA ALA B 24 0.82 24.03 14.59
C ALA B 24 0.92 24.49 16.02
N SER B 25 1.59 23.68 16.85
CA SER B 25 1.86 24.07 18.22
C SER B 25 3.32 23.90 18.41
N GLY B 26 3.89 24.61 19.36
CA GLY B 26 5.30 24.48 19.66
C GLY B 26 6.22 25.25 18.75
N TYR B 27 5.78 25.87 17.66
CA TYR B 27 6.69 26.63 16.80
C TYR B 27 6.01 27.92 16.28
N ALA B 28 6.87 28.87 15.94
CA ALA B 28 6.49 30.21 15.57
C ALA B 28 5.91 30.17 14.21
N PHE B 29 4.67 29.77 14.11
CA PHE B 29 3.94 29.56 12.84
C PHE B 29 4.27 30.45 11.62
N THR B 30 4.29 31.74 11.91
CA THR B 30 4.54 32.82 10.98
C THR B 30 5.89 32.71 10.30
N ASN B 31 6.81 31.96 10.93
CA ASN B 31 8.19 31.77 10.49
C ASN B 31 8.46 30.65 9.50
N TYR B 32 7.52 29.77 9.13
CA TYR B 32 7.73 28.71 8.16
C TYR B 32 6.47 28.68 7.33
N GLY B 33 6.37 27.99 6.19
CA GLY B 33 5.10 27.96 5.50
C GLY B 33 4.43 26.60 5.67
N VAL B 34 3.14 26.45 5.51
CA VAL B 34 2.59 25.12 5.54
C VAL B 34 2.23 24.76 4.09
N ASN B 35 2.99 23.79 3.58
CA ASN B 35 2.89 23.19 2.24
C ASN B 35 2.00 21.95 2.27
N TRP B 36 1.01 21.77 1.44
CA TRP B 36 0.22 20.55 1.45
C TRP B 36 0.82 19.53 0.44
N VAL B 37 1.04 18.23 0.76
CA VAL B 37 1.58 17.20 -0.11
C VAL B 37 0.49 16.13 -0.18
N LYS B 38 0.32 15.42 -1.30
CA LYS B 38 -0.75 14.45 -1.58
C LYS B 38 -0.21 13.06 -1.75
N GLU B 39 -0.85 11.99 -1.29
CA GLU B 39 -0.32 10.66 -1.53
C GLU B 39 -1.48 9.91 -2.16
N ALA B 40 -1.45 9.64 -3.45
CA ALA B 40 -2.56 8.97 -4.06
C ALA B 40 -2.23 7.48 -4.04
N PRO B 41 -3.14 6.47 -4.07
CA PRO B 41 -2.80 5.07 -4.22
C PRO B 41 -1.76 4.92 -5.30
N GLY B 42 -0.55 4.61 -4.81
CA GLY B 42 0.57 4.27 -5.64
C GLY B 42 0.70 5.13 -6.90
N LYS B 43 0.46 6.43 -6.68
CA LYS B 43 0.80 7.47 -7.63
C LYS B 43 1.87 8.31 -6.91
N GLU B 44 2.07 9.49 -7.46
CA GLU B 44 3.06 10.39 -6.91
C GLU B 44 2.62 11.10 -5.62
N LEU B 45 3.63 11.06 -4.73
CA LEU B 45 3.67 11.93 -3.56
C LEU B 45 3.90 13.21 -4.43
N LYS B 46 2.81 13.96 -4.67
CA LYS B 46 2.77 15.16 -5.50
C LYS B 46 2.56 16.39 -4.63
N TRP B 47 3.13 17.53 -4.95
CA TRP B 47 2.94 18.75 -4.18
C TRP B 47 1.74 19.57 -4.61
N MET B 48 1.00 20.12 -3.66
CA MET B 48 -0.21 20.81 -4.02
C MET B 48 -0.03 22.29 -4.09
N GLY B 49 0.02 22.98 -2.96
CA GLY B 49 0.24 24.40 -2.94
C GLY B 49 1.19 24.75 -1.81
N TRP B 50 0.94 25.79 -1.03
CA TRP B 50 1.80 26.37 0.03
C TRP B 50 0.96 27.51 0.55
N ILE B 51 1.04 27.79 1.83
CA ILE B 51 0.40 28.98 2.36
C ILE B 51 1.47 29.58 3.26
N ASN B 52 1.79 30.82 2.88
CA ASN B 52 2.83 31.61 3.53
C ASN B 52 2.04 32.46 4.48
N ILE B 53 2.53 32.41 5.71
CA ILE B 53 1.76 32.98 6.80
C ILE B 53 2.14 34.42 6.99
N TYR B 54 3.32 34.93 6.60
CA TYR B 54 3.61 36.35 6.80
C TYR B 54 2.68 37.16 5.94
N THR B 55 1.98 36.55 4.97
CA THR B 55 1.10 37.30 4.11
C THR B 55 -0.33 36.80 4.20
N GLY B 56 -0.44 35.46 4.15
CA GLY B 56 -1.71 34.71 4.05
C GLY B 56 -2.09 34.52 2.55
N GLU B 57 -1.10 34.43 1.66
CA GLU B 57 -1.43 34.29 0.26
C GLU B 57 -1.04 32.86 -0.05
N PRO B 58 -1.74 32.19 -0.95
CA PRO B 58 -1.44 30.82 -1.30
C PRO B 58 -0.79 30.69 -2.64
N THR B 59 0.03 29.67 -2.82
CA THR B 59 0.49 29.38 -4.17
C THR B 59 -0.06 27.99 -4.43
N TYR B 60 -0.30 27.85 -5.70
CA TYR B 60 -0.83 26.63 -6.18
C TYR B 60 0.09 26.25 -7.31
N VAL B 61 0.21 24.94 -7.35
CA VAL B 61 0.67 24.32 -8.54
C VAL B 61 -0.60 24.50 -9.40
N ASP B 62 -0.52 24.34 -10.71
CA ASP B 62 -1.69 24.64 -11.51
C ASP B 62 -2.79 23.62 -11.30
N ASP B 63 -2.49 22.35 -10.96
CA ASP B 63 -3.53 21.32 -11.03
C ASP B 63 -4.74 21.42 -10.15
N PHE B 64 -4.46 21.78 -8.93
CA PHE B 64 -5.48 21.79 -7.91
C PHE B 64 -6.04 23.21 -7.75
N LYS B 65 -5.54 24.15 -8.59
CA LYS B 65 -5.74 25.59 -8.37
C LYS B 65 -7.19 25.95 -8.41
N GLY B 66 -7.60 26.61 -7.34
CA GLY B 66 -8.94 27.14 -7.33
C GLY B 66 -9.98 26.17 -6.77
N ARG B 67 -10.13 24.92 -7.34
CA ARG B 67 -11.09 23.93 -6.76
C ARG B 67 -10.64 23.53 -5.34
N PHE B 68 -9.30 23.58 -5.17
CA PHE B 68 -8.70 23.31 -3.88
C PHE B 68 -8.36 24.66 -3.19
N ALA B 69 -8.83 24.92 -1.96
CA ALA B 69 -8.74 26.21 -1.29
C ALA B 69 -8.05 26.27 0.08
N PHE B 70 -6.80 26.70 0.13
CA PHE B 70 -6.10 26.83 1.40
C PHE B 70 -6.50 28.10 2.13
N SER B 71 -6.42 28.10 3.45
CA SER B 71 -6.90 29.18 4.29
C SER B 71 -6.18 29.16 5.63
N LEU B 72 -6.46 30.06 6.55
CA LEU B 72 -5.56 30.27 7.65
C LEU B 72 -6.30 30.95 8.80
N GLU B 73 -5.94 30.69 10.06
CA GLU B 73 -6.51 31.43 11.17
C GLU B 73 -5.36 31.48 12.18
N THR B 74 -4.32 32.27 11.79
CA THR B 74 -3.06 32.50 12.55
C THR B 74 -3.16 32.66 14.07
N SER B 75 -4.17 33.27 14.68
CA SER B 75 -4.24 33.39 16.13
C SER B 75 -4.81 32.11 16.73
N ALA B 76 -4.84 31.10 15.85
CA ALA B 76 -5.26 29.76 16.20
C ALA B 76 -4.17 28.81 15.73
N SER B 77 -3.25 29.35 14.95
CA SER B 77 -2.21 28.55 14.32
C SER B 77 -2.67 27.49 13.31
N THR B 78 -3.94 27.40 12.91
CA THR B 78 -4.39 26.30 12.12
C THR B 78 -4.47 26.61 10.66
N ALA B 79 -4.05 25.69 9.75
CA ALA B 79 -4.13 25.76 8.26
C ALA B 79 -5.30 24.97 7.65
N TYR B 80 -5.70 25.21 6.41
CA TYR B 80 -6.94 24.62 5.90
C TYR B 80 -6.87 24.18 4.46
N LEU B 81 -7.50 23.08 4.10
CA LEU B 81 -7.63 22.69 2.72
C LEU B 81 -9.12 22.42 2.62
N GLU B 82 -9.76 22.89 1.56
CA GLU B 82 -11.12 22.46 1.35
C GLU B 82 -11.09 21.89 -0.03
N ILE B 83 -11.82 20.80 -0.19
CA ILE B 83 -11.98 20.24 -1.51
C ILE B 83 -13.49 20.27 -1.69
N ASN B 84 -13.92 20.91 -2.79
CA ASN B 84 -15.34 21.07 -3.05
C ASN B 84 -15.68 20.18 -4.23
N ASN B 85 -16.89 19.62 -4.23
CA ASN B 85 -17.33 18.71 -5.28
C ASN B 85 -16.28 17.64 -5.58
N LEU B 86 -15.82 16.94 -4.52
CA LEU B 86 -14.77 15.99 -4.78
C LEU B 86 -15.15 14.80 -5.64
N LYS B 87 -14.33 14.73 -6.66
CA LYS B 87 -14.28 13.65 -7.63
C LYS B 87 -13.96 12.33 -6.91
N ASN B 88 -14.01 11.15 -7.56
CA ASN B 88 -13.61 9.89 -6.91
C ASN B 88 -12.13 9.85 -6.73
N GLU B 89 -11.51 10.49 -7.72
CA GLU B 89 -10.05 10.45 -7.83
C GLU B 89 -9.44 11.34 -6.78
N ASP B 90 -10.28 12.02 -5.97
CA ASP B 90 -9.83 12.80 -4.82
C ASP B 90 -9.82 11.93 -3.56
N THR B 91 -9.14 10.80 -3.68
CA THR B 91 -9.07 9.83 -2.63
C THR B 91 -7.60 9.59 -2.47
N ALA B 92 -7.07 10.03 -1.37
CA ALA B 92 -5.65 9.95 -1.19
C ALA B 92 -5.46 10.15 0.28
N THR B 93 -4.25 10.46 0.73
CA THR B 93 -4.01 10.90 2.08
C THR B 93 -3.33 12.25 1.86
N TYR B 94 -3.72 13.28 2.61
CA TYR B 94 -3.22 14.63 2.48
C TYR B 94 -2.41 14.98 3.71
N PHE B 95 -1.19 15.47 3.52
CA PHE B 95 -0.22 15.83 4.57
C PHE B 95 0.12 17.31 4.53
N CYS B 96 0.41 17.92 5.65
CA CYS B 96 0.85 19.26 5.62
C CYS B 96 2.25 19.26 6.14
N THR B 97 3.14 20.06 5.52
CA THR B 97 4.54 20.19 5.92
C THR B 97 5.00 21.59 6.31
N ARG B 98 5.73 21.67 7.41
CA ARG B 98 6.36 22.90 7.80
C ARG B 98 7.45 23.01 6.77
N GLY B 99 7.37 23.97 5.89
CA GLY B 99 8.44 24.26 4.97
C GLY B 99 9.26 25.52 5.29
N ASP B 100 10.53 25.31 5.13
CA ASP B 100 11.56 26.26 5.49
C ASP B 100 12.04 27.20 4.36
N TYR B 101 12.34 28.47 4.69
CA TYR B 101 12.75 29.54 3.78
C TYR B 101 14.23 29.55 3.51
N VAL B 102 15.03 28.98 4.42
CA VAL B 102 16.50 28.96 4.33
C VAL B 102 16.98 27.86 3.43
N ASN B 103 17.04 26.60 3.84
CA ASN B 103 17.50 25.51 2.99
C ASN B 103 16.38 24.77 2.26
N TRP B 104 15.15 25.28 2.29
CA TRP B 104 14.07 24.83 1.45
C TRP B 104 13.58 23.38 1.50
N TYR B 105 13.57 22.79 2.67
CA TYR B 105 13.15 21.44 2.86
C TYR B 105 11.82 21.37 3.55
N PHE B 106 11.34 20.19 3.93
CA PHE B 106 10.09 19.99 4.64
C PHE B 106 10.44 19.19 5.83
N ASP B 107 10.51 19.76 7.01
CA ASP B 107 10.99 18.96 8.13
C ASP B 107 10.06 18.45 9.22
N VAL B 108 8.81 18.92 9.31
CA VAL B 108 7.86 18.42 10.27
C VAL B 108 6.66 18.21 9.39
N TRP B 109 6.15 16.98 9.28
CA TRP B 109 4.97 16.55 8.51
C TRP B 109 3.94 16.02 9.50
N GLY B 110 2.67 16.09 9.24
CA GLY B 110 1.69 15.56 10.15
C GLY B 110 1.15 14.27 9.58
N ALA B 111 0.65 13.40 10.46
CA ALA B 111 0.15 12.06 10.18
C ALA B 111 -0.68 11.73 8.95
N GLY B 112 -1.41 12.72 8.45
CA GLY B 112 -2.15 12.54 7.23
C GLY B 112 -3.61 12.38 7.47
N THR B 113 -4.43 12.81 6.54
CA THR B 113 -5.85 12.67 6.69
C THR B 113 -6.20 11.95 5.43
N THR B 114 -6.87 10.80 5.53
CA THR B 114 -7.25 10.01 4.38
C THR B 114 -8.60 10.49 3.96
N VAL B 115 -8.85 10.82 2.72
CA VAL B 115 -10.18 11.11 2.29
C VAL B 115 -10.52 9.97 1.32
N THR B 116 -11.68 9.33 1.56
CA THR B 116 -12.20 8.26 0.76
C THR B 116 -13.42 8.77 0.04
N VAL B 117 -13.40 8.93 -1.25
CA VAL B 117 -14.58 9.41 -1.88
C VAL B 117 -15.21 8.21 -2.59
N SER B 118 -16.43 7.89 -2.17
CA SER B 118 -17.15 6.80 -2.78
C SER B 118 -18.60 6.96 -2.47
N SER B 119 -19.30 6.51 -3.50
CA SER B 119 -20.72 6.55 -3.59
C SER B 119 -21.38 5.53 -2.71
N ALA B 120 -20.63 4.47 -2.40
CA ALA B 120 -21.22 3.31 -1.74
C ALA B 120 -21.91 3.53 -0.41
N LYS B 121 -22.74 2.56 -0.07
CA LYS B 121 -23.47 2.60 1.16
C LYS B 121 -22.86 1.41 1.86
N THR B 122 -22.97 1.40 3.18
CA THR B 122 -22.34 0.31 3.92
C THR B 122 -23.17 -0.97 3.72
N THR B 123 -22.42 -2.04 3.39
CA THR B 123 -23.00 -3.36 3.30
C THR B 123 -22.12 -4.21 4.24
N PRO B 124 -22.70 -5.16 4.99
CA PRO B 124 -21.97 -6.17 5.75
C PRO B 124 -21.35 -7.18 4.79
N PRO B 125 -20.27 -7.98 5.02
CA PRO B 125 -19.74 -8.83 4.01
C PRO B 125 -20.41 -10.19 3.95
N SER B 126 -20.05 -10.90 2.89
CA SER B 126 -20.44 -12.28 2.74
C SER B 126 -19.22 -13.15 3.06
N VAL B 127 -19.03 -13.70 4.25
CA VAL B 127 -17.85 -14.54 4.43
C VAL B 127 -18.15 -15.89 3.81
N TYR B 128 -17.33 -16.38 2.89
CA TYR B 128 -17.53 -17.66 2.21
C TYR B 128 -16.36 -18.58 2.53
N PRO B 129 -16.53 -19.89 2.67
CA PRO B 129 -15.51 -20.76 3.25
C PRO B 129 -14.75 -21.34 2.11
N LEU B 130 -13.42 -21.41 2.09
CA LEU B 130 -12.74 -22.00 0.96
C LEU B 130 -12.10 -23.30 1.41
N ALA B 131 -12.61 -24.50 1.15
CA ALA B 131 -11.95 -25.76 1.55
C ALA B 131 -11.50 -26.49 0.28
N PRO B 132 -10.45 -27.31 0.33
CA PRO B 132 -9.69 -27.71 -0.82
C PRO B 132 -10.31 -28.73 -1.76
N GLY B 133 -10.27 -28.50 -3.11
CA GLY B 133 -10.66 -29.51 -4.10
C GLY B 133 -9.65 -30.67 -3.95
N SER B 134 -10.13 -31.61 -3.13
CA SER B 134 -9.36 -32.70 -2.52
C SER B 134 -8.03 -33.23 -3.10
N ALA B 135 -7.19 -32.21 -2.92
CA ALA B 135 -5.77 -32.41 -3.07
C ALA B 135 -5.50 -33.34 -1.89
N ALA B 136 -4.48 -34.18 -2.02
CA ALA B 136 -4.05 -35.03 -0.90
C ALA B 136 -2.80 -34.35 -0.35
N GLN B 137 -2.44 -34.77 0.87
CA GLN B 137 -1.05 -34.89 1.33
C GLN B 137 -0.06 -34.03 0.51
N THR B 138 -0.46 -32.81 0.22
CA THR B 138 0.21 -32.01 -0.82
C THR B 138 1.67 -31.92 -0.42
N ASN B 139 1.96 -32.15 0.86
CA ASN B 139 3.15 -32.71 1.48
C ASN B 139 2.63 -33.04 2.90
N SER B 140 2.47 -32.02 3.76
CA SER B 140 2.14 -32.29 5.14
C SER B 140 1.44 -31.13 5.78
N MET B 141 0.95 -30.23 4.93
CA MET B 141 0.25 -29.07 5.40
C MET B 141 -1.05 -29.00 4.64
N VAL B 142 -2.11 -28.39 5.19
CA VAL B 142 -3.29 -28.16 4.39
C VAL B 142 -3.46 -26.64 4.42
N THR B 143 -4.09 -26.09 3.39
CA THR B 143 -4.29 -24.67 3.28
C THR B 143 -5.74 -24.48 2.91
N LEU B 144 -6.41 -23.71 3.77
CA LEU B 144 -7.78 -23.31 3.50
C LEU B 144 -7.89 -21.81 3.78
N GLY B 145 -8.94 -21.12 3.33
CA GLY B 145 -9.07 -19.72 3.61
C GLY B 145 -10.50 -19.26 3.64
N CYS B 146 -10.79 -17.97 3.77
CA CYS B 146 -12.16 -17.42 3.68
C CYS B 146 -12.21 -16.34 2.61
N LEU B 147 -13.31 -16.06 1.94
CA LEU B 147 -13.34 -15.04 0.95
C LEU B 147 -14.47 -14.20 1.51
N VAL B 148 -14.06 -13.19 2.21
CA VAL B 148 -15.02 -12.30 2.81
C VAL B 148 -15.24 -11.27 1.70
N LYS B 149 -16.36 -11.34 0.99
CA LYS B 149 -16.57 -10.47 -0.13
C LYS B 149 -17.78 -9.57 -0.14
N GLY B 150 -17.48 -8.36 -0.58
CA GLY B 150 -18.53 -7.41 -0.96
C GLY B 150 -18.91 -6.42 0.08
N TYR B 151 -17.94 -5.89 0.80
CA TYR B 151 -18.25 -5.04 1.92
C TYR B 151 -17.88 -3.60 1.65
N PHE B 152 -18.57 -2.72 2.33
CA PHE B 152 -18.17 -1.33 2.38
C PHE B 152 -18.53 -0.88 3.81
N PRO B 153 -17.76 -0.03 4.48
CA PRO B 153 -16.37 0.27 4.20
C PRO B 153 -15.37 -0.62 4.90
N GLU B 154 -14.15 -0.37 4.49
CA GLU B 154 -12.97 -0.83 5.17
C GLU B 154 -13.03 -0.29 6.58
N PRO B 155 -12.57 -0.90 7.64
CA PRO B 155 -11.93 -2.19 7.62
C PRO B 155 -12.80 -3.32 8.14
N VAL B 156 -12.23 -4.50 7.88
CA VAL B 156 -12.65 -5.74 8.47
C VAL B 156 -11.35 -6.24 9.09
N THR B 157 -11.58 -7.18 9.98
CA THR B 157 -10.58 -7.81 10.81
C THR B 157 -10.87 -9.31 10.63
N VAL B 158 -9.92 -10.11 10.15
CA VAL B 158 -10.13 -11.55 9.99
C VAL B 158 -9.13 -12.14 10.95
N THR B 159 -9.50 -13.30 11.49
CA THR B 159 -8.77 -14.09 12.48
C THR B 159 -9.29 -15.54 12.27
N TRP B 160 -8.78 -16.57 12.96
CA TRP B 160 -9.17 -17.97 12.83
C TRP B 160 -9.16 -18.48 14.23
N ASN B 161 -9.93 -19.48 14.60
CA ASN B 161 -9.94 -20.00 15.98
C ASN B 161 -9.83 -18.92 17.04
N SER B 162 -10.51 -17.79 16.82
CA SER B 162 -10.55 -16.66 17.75
C SER B 162 -9.17 -16.11 18.13
N GLY B 163 -8.22 -16.21 17.22
CA GLY B 163 -6.91 -15.62 17.39
C GLY B 163 -5.80 -16.61 17.65
N SER B 164 -6.17 -17.89 17.81
CA SER B 164 -5.27 -18.98 18.15
C SER B 164 -4.52 -19.52 16.97
N LEU B 165 -4.78 -19.13 15.76
CA LEU B 165 -3.98 -19.52 14.64
C LEU B 165 -3.42 -18.21 14.07
N SER B 166 -2.14 -17.88 14.27
CA SER B 166 -1.52 -16.69 13.67
C SER B 166 -0.32 -17.00 12.77
N SER B 167 0.70 -17.82 13.14
CA SER B 167 1.76 -18.22 12.19
C SER B 167 1.06 -19.00 11.11
N GLY B 168 1.27 -18.73 9.86
CA GLY B 168 0.47 -19.39 8.85
C GLY B 168 -0.51 -18.39 8.26
N VAL B 169 -1.26 -17.55 9.00
CA VAL B 169 -2.30 -16.81 8.31
C VAL B 169 -1.70 -15.72 7.45
N HIS B 170 -2.33 -15.41 6.34
CA HIS B 170 -1.86 -14.37 5.48
C HIS B 170 -3.09 -13.68 4.95
N THR B 171 -3.49 -12.56 5.50
CA THR B 171 -4.68 -11.95 4.97
C THR B 171 -4.10 -11.07 3.84
N PHE B 172 -4.70 -11.05 2.65
CA PHE B 172 -4.18 -10.22 1.56
C PHE B 172 -5.05 -8.97 1.51
N PRO B 173 -4.54 -7.77 1.36
CA PRO B 173 -5.22 -6.57 0.91
C PRO B 173 -6.47 -6.67 0.05
N ALA B 174 -7.27 -5.67 0.48
CA ALA B 174 -8.62 -5.41 0.02
C ALA B 174 -8.57 -4.66 -1.27
N VAL B 175 -9.29 -5.15 -2.27
CA VAL B 175 -9.29 -4.61 -3.62
C VAL B 175 -10.78 -4.39 -3.95
N LEU B 176 -11.08 -3.78 -5.12
CA LEU B 176 -12.38 -3.20 -5.42
C LEU B 176 -13.15 -3.73 -6.61
N GLN B 177 -13.83 -4.89 -6.55
CA GLN B 177 -14.76 -5.22 -7.61
C GLN B 177 -15.87 -4.21 -7.37
N SER B 178 -15.94 -3.25 -8.26
CA SER B 178 -17.05 -2.35 -8.44
C SER B 178 -17.70 -1.62 -7.29
N ASP B 179 -17.14 -0.54 -6.73
CA ASP B 179 -17.64 0.20 -5.56
C ASP B 179 -17.46 -0.41 -4.17
N LEU B 180 -17.58 -1.74 -4.05
CA LEU B 180 -17.40 -2.44 -2.79
C LEU B 180 -16.02 -3.10 -2.82
N TYR B 181 -15.60 -3.65 -1.68
CA TYR B 181 -14.34 -4.32 -1.52
C TYR B 181 -14.53 -5.84 -1.48
N THR B 182 -13.46 -6.62 -1.83
CA THR B 182 -13.35 -8.07 -1.64
C THR B 182 -12.05 -8.43 -0.90
N LEU B 183 -12.03 -9.22 0.17
CA LEU B 183 -10.83 -9.54 0.91
C LEU B 183 -10.74 -11.04 1.15
N SER B 184 -9.59 -11.66 1.41
CA SER B 184 -9.47 -13.07 1.63
C SER B 184 -8.29 -13.39 2.54
N SER B 185 -8.26 -14.52 3.22
CA SER B 185 -7.25 -14.83 4.19
C SER B 185 -6.92 -16.30 4.03
N SER B 186 -5.75 -16.84 4.44
CA SER B 186 -5.28 -18.22 4.23
C SER B 186 -4.72 -18.76 5.52
N VAL B 187 -4.96 -19.98 5.97
CA VAL B 187 -4.28 -20.48 7.16
C VAL B 187 -3.76 -21.81 6.73
N THR B 188 -2.49 -22.04 6.98
CA THR B 188 -1.95 -23.33 6.66
C THR B 188 -1.79 -24.03 7.99
N VAL B 189 -2.42 -25.20 8.10
CA VAL B 189 -2.32 -26.02 9.31
C VAL B 189 -1.61 -27.35 9.01
N PRO B 190 -1.02 -28.05 9.95
CA PRO B 190 -0.64 -29.43 9.82
C PRO B 190 -1.74 -30.35 9.38
N SER B 191 -1.49 -31.25 8.43
CA SER B 191 -2.48 -32.21 8.02
C SER B 191 -3.13 -33.09 9.10
N SER B 192 -2.62 -33.30 10.31
CA SER B 192 -3.37 -34.09 11.26
C SER B 192 -4.44 -33.21 11.94
N PRO B 193 -4.16 -31.94 12.35
CA PRO B 193 -5.22 -30.98 12.63
C PRO B 193 -6.32 -30.70 11.67
N ARG B 194 -6.35 -30.26 10.43
CA ARG B 194 -7.67 -30.28 9.79
C ARG B 194 -7.92 -31.80 9.46
N PRO B 195 -9.06 -32.37 9.05
CA PRO B 195 -10.32 -32.09 9.66
C PRO B 195 -10.37 -32.68 11.07
N SER B 196 -9.37 -33.30 11.68
CA SER B 196 -9.47 -33.78 13.04
C SER B 196 -10.05 -32.70 13.95
N GLU B 197 -9.29 -31.60 14.06
CA GLU B 197 -9.63 -30.46 14.88
C GLU B 197 -10.13 -29.28 14.05
N THR B 198 -11.08 -28.54 14.58
CA THR B 198 -11.79 -27.53 13.82
C THR B 198 -10.96 -26.28 13.52
N VAL B 199 -11.20 -25.66 12.34
CA VAL B 199 -10.59 -24.41 11.94
C VAL B 199 -11.76 -23.57 11.46
N THR B 200 -11.98 -22.38 12.08
CA THR B 200 -13.03 -21.37 11.85
C THR B 200 -12.44 -20.05 11.39
N CYS B 201 -12.91 -19.25 10.43
CA CYS B 201 -12.34 -17.93 10.15
C CYS B 201 -13.30 -17.00 10.81
N ASN B 202 -12.91 -16.09 11.69
CA ASN B 202 -13.84 -15.22 12.39
C ASN B 202 -13.70 -13.87 11.73
N VAL B 203 -14.70 -13.24 11.11
CA VAL B 203 -14.53 -11.90 10.54
C VAL B 203 -15.54 -10.91 11.11
N ALA B 204 -15.09 -9.73 11.56
CA ALA B 204 -15.96 -8.71 12.10
C ALA B 204 -15.91 -7.49 11.23
N HIS B 205 -16.93 -6.82 10.75
CA HIS B 205 -16.77 -5.64 9.95
C HIS B 205 -17.37 -4.53 10.75
N PRO B 206 -16.64 -3.72 11.51
CA PRO B 206 -17.21 -2.87 12.53
C PRO B 206 -18.22 -1.82 12.06
N ALA B 207 -17.96 -1.14 10.95
CA ALA B 207 -18.89 -0.18 10.34
C ALA B 207 -20.17 -0.79 9.80
N SER B 208 -20.66 -1.81 10.46
CA SER B 208 -21.93 -2.43 10.16
C SER B 208 -22.26 -3.33 11.35
N SER B 209 -21.33 -3.59 12.25
CA SER B 209 -21.66 -4.25 13.48
C SER B 209 -22.19 -5.68 13.27
N THR B 210 -21.33 -6.36 12.52
CA THR B 210 -21.46 -7.75 12.15
C THR B 210 -20.18 -8.57 12.35
N LYS B 211 -20.32 -9.78 12.88
CA LYS B 211 -19.24 -10.72 13.07
C LYS B 211 -19.80 -11.96 12.43
N VAL B 212 -19.05 -12.69 11.63
CA VAL B 212 -19.48 -13.92 10.96
C VAL B 212 -18.43 -14.95 11.33
N ASP B 213 -18.77 -16.11 11.87
CA ASP B 213 -17.80 -17.18 12.13
C ASP B 213 -18.16 -18.25 11.12
N LYS B 214 -17.16 -18.74 10.44
CA LYS B 214 -17.37 -19.65 9.35
C LYS B 214 -16.50 -20.83 9.71
N LYS B 215 -17.03 -22.07 9.94
CA LYS B 215 -16.17 -23.19 10.29
C LYS B 215 -15.79 -23.83 8.96
N ILE B 216 -14.52 -24.22 8.71
CA ILE B 216 -14.05 -24.70 7.41
C ILE B 216 -14.27 -26.19 7.54
N VAL B 217 -15.21 -26.63 6.71
CA VAL B 217 -15.73 -27.98 6.76
C VAL B 217 -15.46 -28.68 5.43
N PRO B 218 -14.98 -29.95 5.50
CA PRO B 218 -14.48 -30.71 4.41
C PRO B 218 -15.36 -30.85 3.23
N ARG B 219 -14.57 -30.57 2.21
CA ARG B 219 -14.66 -31.07 0.84
C ARG B 219 -13.19 -30.79 0.52
C1 STR C . 11.12 29.92 -4.23
C2 STR C . 11.55 30.21 -5.66
C3 STR C . 12.58 29.13 -5.98
O3 STR C . 13.71 29.39 -6.44
C4 STR C . 12.20 27.84 -5.80
C5 STR C . 11.20 27.53 -4.87
C6 STR C . 10.70 26.13 -4.64
C7 STR C . 10.77 25.84 -3.20
C8 STR C . 10.00 26.80 -2.37
C9 STR C . 10.54 28.21 -2.58
C10 STR C . 10.44 28.56 -4.04
C11 STR C . 9.82 29.22 -1.76
C12 STR C . 9.84 28.80 -0.35
C13 STR C . 9.38 27.33 -0.02
C14 STR C . 10.18 26.41 -0.89
C15 STR C . 9.96 25.07 -0.17
C16 STR C . 9.73 25.38 1.30
C17 STR C . 9.60 26.89 1.41
C18 STR C . 7.90 27.11 -0.35
C19 STR C . 9.03 28.70 -4.59
C20 STR C . 8.71 27.32 2.50
O20 STR C . 7.82 26.61 2.92
C21 STR C . 8.95 28.60 3.22
#